data_8EJ6
#
_entry.id   8EJ6
#
_cell.length_a   42.957
_cell.length_b   61.486
_cell.length_c   44.387
_cell.angle_alpha   90.000
_cell.angle_beta   117.249
_cell.angle_gamma   90.000
#
_symmetry.space_group_name_H-M   'P 1 21 1'
#
loop_
_entity.id
_entity.type
_entity.pdbx_description
1 polymer "DNA (5'-D(*AP*AP*TP*AP*AP*GP*AP*GP*GP*AP*AP*TP*GP*GP*GP*G)-3')"
2 polymer "DNA (5'-D(*TP*CP*CP*CP*CP*AP*TP*TP*CP*CP*TP*CP*TP*TP*AP*T)-3')"
3 polymer 'Transcription factor PU.1'
4 water water
#
loop_
_entity_poly.entity_id
_entity_poly.type
_entity_poly.pdbx_seq_one_letter_code
_entity_poly.pdbx_strand_id
1 'polydeoxyribonucleotide' (DA)(DA)(DT)(DA)(DA)(DG)(DA)(DG)(DG)(DA)(DA)(DT)(DG)(DG)(DG)(DG) C
2 'polydeoxyribonucleotide' (DT)(DC)(DC)(DC)(DC)(DA)(DT)(DT)(DC)(DC)(DT)(DC)(DT)(DT)(DA)(DT) D
3 'polypeptide(L)'
;GSKKKIRLYQFLLDLLRSGDMKDSIWWVDKDKGTFQFSSKHKEALAHRWGIQKGNRKKMTYQKMARALRNYGKTGEVKKV
KKKLTYQFSGEVLGRGGLAERRHPPH
;
F
#
loop_
_chem_comp.id
_chem_comp.type
_chem_comp.name
_chem_comp.formula
DA DNA linking 2'-DEOXYADENOSINE-5'-MONOPHOSPHATE 'C10 H14 N5 O6 P'
DC DNA linking 2'-DEOXYCYTIDINE-5'-MONOPHOSPHATE 'C9 H14 N3 O7 P'
DG DNA linking 2'-DEOXYGUANOSINE-5'-MONOPHOSPHATE 'C10 H14 N5 O7 P'
DT DNA linking THYMIDINE-5'-MONOPHOSPHATE 'C10 H15 N2 O8 P'
#
# COMPACT_ATOMS: atom_id res chain seq x y z
N LYS C 5 -4.77 3.26 15.96
CA LYS C 5 -4.02 2.35 15.10
C LYS C 5 -3.82 2.96 13.71
N ILE C 6 -2.68 2.64 13.12
CA ILE C 6 -2.33 3.18 11.82
C ILE C 6 -3.31 2.67 10.78
N ARG C 7 -3.64 3.54 9.82
CA ARG C 7 -4.47 3.15 8.69
C ARG C 7 -3.59 2.56 7.59
N LEU C 8 -4.19 1.68 6.78
CA LEU C 8 -3.46 0.98 5.74
C LEU C 8 -2.74 1.96 4.80
N TYR C 9 -3.44 3.01 4.36
CA TYR C 9 -2.79 3.91 3.39
C TYR C 9 -1.57 4.58 4.01
N GLN C 10 -1.63 4.87 5.31
CA GLN C 10 -0.50 5.51 6.00
C GLN C 10 0.65 4.54 6.18
N PHE C 11 0.35 3.27 6.50
CA PHE C 11 1.38 2.23 6.54
C PHE C 11 2.15 2.17 5.22
N LEU C 12 1.43 2.17 4.10
CA LEU C 12 2.09 2.10 2.79
C LEU C 12 2.90 3.36 2.51
N LEU C 13 2.32 4.53 2.77
CA LEU C 13 3.05 5.77 2.54
C LEU C 13 4.32 5.80 3.38
N ASP C 14 4.23 5.36 4.63
CA ASP C 14 5.39 5.36 5.51
C ASP C 14 6.47 4.41 4.98
N LEU C 15 6.08 3.24 4.45
CA LEU C 15 7.08 2.34 3.87
C LEU C 15 7.79 3.00 2.70
N LEU C 16 7.02 3.65 1.82
CA LEU C 16 7.63 4.31 0.67
C LEU C 16 8.56 5.43 1.11
N ARG C 17 8.22 6.17 2.17
CA ARG C 17 9.08 7.25 2.63
C ARG C 17 10.34 6.73 3.30
N SER C 18 10.25 5.59 4.01
CA SER C 18 11.39 5.06 4.73
C SER C 18 12.29 4.20 3.87
N GLY C 19 11.79 3.66 2.75
CA GLY C 19 12.53 2.72 1.94
C GLY C 19 12.78 1.37 2.58
N ASP C 20 11.97 0.97 3.57
CA ASP C 20 12.31 -0.20 4.38
C ASP C 20 12.08 -1.52 3.65
N MET C 21 11.16 -1.57 2.68
CA MET C 21 10.85 -2.77 1.91
C MET C 21 10.88 -2.44 0.42
N LYS C 22 12.03 -1.91 -0.02
CA LYS C 22 12.19 -1.45 -1.39
C LYS C 22 12.02 -2.55 -2.43
N ASP C 23 12.20 -3.82 -2.05
CA ASP C 23 11.99 -4.90 -3.00
C ASP C 23 10.52 -5.34 -3.08
N SER C 24 9.66 -4.78 -2.24
CA SER C 24 8.24 -5.12 -2.24
C SER C 24 7.33 -4.03 -2.77
N ILE C 25 7.74 -2.77 -2.70
CA ILE C 25 6.91 -1.63 -3.07
C ILE C 25 7.84 -0.50 -3.50
N TRP C 26 7.39 0.29 -4.48
CA TRP C 26 8.21 1.41 -4.95
C TRP C 26 7.32 2.46 -5.60
N TRP C 27 7.84 3.70 -5.64
CA TRP C 27 7.18 4.73 -6.42
C TRP C 27 7.36 4.43 -7.90
N VAL C 28 6.32 4.74 -8.69
CA VAL C 28 6.42 4.74 -10.14
C VAL C 28 6.63 6.19 -10.58
N ASP C 29 5.71 7.07 -10.21
CA ASP C 29 5.86 8.52 -10.44
C ASP C 29 5.57 9.16 -9.08
N LYS C 30 6.62 9.50 -8.34
CA LYS C 30 6.42 9.97 -6.98
C LYS C 30 5.69 11.31 -6.95
N ASP C 31 5.97 12.19 -7.91
CA ASP C 31 5.29 13.49 -7.92
C ASP C 31 3.79 13.31 -8.09
N LYS C 32 3.37 12.29 -8.83
CA LYS C 32 1.95 12.01 -9.01
C LYS C 32 1.38 11.09 -7.92
N GLY C 33 2.23 10.53 -7.07
CA GLY C 33 1.80 9.63 -6.03
C GLY C 33 1.48 8.23 -6.49
N THR C 34 1.96 7.78 -7.65
CA THR C 34 1.71 6.42 -8.10
C THR C 34 2.79 5.48 -7.59
N PHE C 35 2.37 4.29 -7.18
CA PHE C 35 3.27 3.31 -6.59
C PHE C 35 2.83 1.92 -7.04
N GLN C 36 3.75 0.97 -6.94
CA GLN C 36 3.53 -0.38 -7.45
C GLN C 36 4.10 -1.40 -6.50
N PHE C 37 3.38 -2.52 -6.36
CA PHE C 37 3.86 -3.67 -5.58
C PHE C 37 4.63 -4.64 -6.47
N SER C 38 5.58 -5.34 -5.84
CA SER C 38 6.33 -6.42 -6.48
C SER C 38 5.45 -7.65 -6.67
N SER C 39 5.42 -8.18 -7.88
CA SER C 39 4.67 -9.41 -8.09
C SER C 39 5.19 -10.52 -7.17
N LYS C 40 6.50 -10.64 -7.06
CA LYS C 40 7.10 -11.75 -6.33
C LYS C 40 7.29 -11.50 -4.84
N HIS C 41 7.33 -10.25 -4.38
CA HIS C 41 7.68 -9.96 -2.99
C HIS C 41 6.60 -9.18 -2.25
N LYS C 42 5.40 -9.05 -2.80
CA LYS C 42 4.34 -8.33 -2.11
C LYS C 42 3.82 -9.10 -0.90
N GLU C 43 3.92 -10.43 -0.87
CA GLU C 43 3.34 -11.14 0.27
C GLU C 43 4.09 -10.83 1.56
N ALA C 44 5.41 -10.62 1.49
CA ALA C 44 6.14 -10.26 2.71
C ALA C 44 5.66 -8.94 3.28
N LEU C 45 5.30 -8.00 2.41
CA LEU C 45 4.76 -6.73 2.86
C LEU C 45 3.38 -6.91 3.47
N ALA C 46 2.53 -7.71 2.83
CA ALA C 46 1.23 -8.02 3.41
C ALA C 46 1.36 -8.66 4.79
N HIS C 47 2.29 -9.60 4.93
CA HIS C 47 2.48 -10.23 6.24
C HIS C 47 2.82 -9.18 7.28
N ARG C 48 3.68 -8.22 6.92
CA ARG C 48 4.08 -7.18 7.86
CA ARG C 48 4.08 -7.18 7.86
C ARG C 48 2.87 -6.34 8.29
N TRP C 49 1.98 -6.03 7.36
CA TRP C 49 0.77 -5.28 7.68
C TRP C 49 -0.07 -5.99 8.74
N GLY C 50 -0.31 -7.30 8.54
CA GLY C 50 -1.12 -8.04 9.48
C GLY C 50 -0.49 -8.13 10.86
N ILE C 51 0.83 -8.34 10.90
CA ILE C 51 1.52 -8.43 12.18
C ILE C 51 1.49 -7.08 12.89
N GLN C 52 1.69 -5.99 12.16
CA GLN C 52 1.62 -4.66 12.78
C GLN C 52 0.23 -4.40 13.38
N LYS C 53 -0.81 -4.88 12.71
CA LYS C 53 -2.18 -4.72 13.18
C LYS C 53 -2.56 -5.69 14.28
N GLY C 54 -1.79 -6.76 14.50
CA GLY C 54 -2.16 -7.73 15.49
C GLY C 54 -3.36 -8.57 15.09
N ASN C 55 -3.58 -8.75 13.79
CA ASN C 55 -4.75 -9.46 13.29
C ASN C 55 -4.68 -10.94 13.67
N ARG C 56 -5.86 -11.57 13.74
CA ARG C 56 -5.92 -12.97 14.15
C ARG C 56 -5.26 -13.87 13.12
N LYS C 57 -5.56 -13.69 11.83
CA LYS C 57 -5.02 -14.53 10.78
C LYS C 57 -3.83 -13.86 10.10
N LYS C 58 -3.06 -14.69 9.40
CA LYS C 58 -2.00 -14.17 8.55
C LYS C 58 -2.61 -13.31 7.45
N MET C 59 -2.05 -12.12 7.24
CA MET C 59 -2.53 -11.25 6.18
C MET C 59 -1.96 -11.72 4.85
N THR C 60 -2.77 -11.62 3.79
CA THR C 60 -2.34 -11.92 2.43
C THR C 60 -2.47 -10.66 1.58
N TYR C 61 -1.73 -10.65 0.47
CA TYR C 61 -1.86 -9.51 -0.44
C TYR C 61 -3.31 -9.35 -0.92
N GLN C 62 -3.98 -10.46 -1.24
CA GLN C 62 -5.38 -10.38 -1.68
C GLN C 62 -6.26 -9.65 -0.66
N LYS C 63 -6.13 -9.99 0.64
CA LYS C 63 -6.96 -9.33 1.65
C LYS C 63 -6.56 -7.89 1.83
N MET C 64 -5.26 -7.58 1.70
CA MET C 64 -4.82 -6.21 1.83
C MET C 64 -5.37 -5.36 0.70
N ALA C 65 -5.35 -5.89 -0.53
CA ALA C 65 -5.90 -5.18 -1.67
C ALA C 65 -7.41 -5.06 -1.62
N ARG C 66 -8.10 -6.03 -0.98
CA ARG C 66 -9.52 -5.87 -0.73
C ARG C 66 -9.79 -4.62 0.11
N ALA C 67 -8.99 -4.39 1.14
CA ALA C 67 -9.10 -3.16 1.90
C ALA C 67 -8.74 -1.94 1.06
N LEU C 68 -7.69 -2.05 0.23
CA LEU C 68 -7.31 -0.90 -0.60
C LEU C 68 -8.45 -0.45 -1.49
N ARG C 69 -9.20 -1.41 -2.05
CA ARG C 69 -10.28 -1.02 -2.95
C ARG C 69 -11.34 -0.21 -2.23
N ASN C 70 -11.49 -0.37 -0.91
CA ASN C 70 -12.47 0.42 -0.18
C ASN C 70 -12.11 1.90 -0.07
N TYR C 71 -10.88 2.28 -0.39
CA TYR C 71 -10.52 3.70 -0.45
C TYR C 71 -10.93 4.35 -1.77
N GLY C 72 -11.36 3.57 -2.77
CA GLY C 72 -11.68 4.15 -4.06
C GLY C 72 -12.74 5.23 -3.98
N LYS C 73 -13.77 5.02 -3.17
CA LYS C 73 -14.88 5.96 -3.13
C LYS C 73 -14.51 7.23 -2.38
N THR C 74 -13.73 7.09 -1.31
CA THR C 74 -13.35 8.24 -0.49
C THR C 74 -12.11 8.95 -1.00
N GLY C 75 -11.27 8.28 -1.79
CA GLY C 75 -10.26 8.92 -2.60
C GLY C 75 -8.83 8.76 -2.14
N GLU C 76 -8.57 8.20 -0.95
CA GLU C 76 -7.20 8.19 -0.43
C GLU C 76 -6.25 7.42 -1.35
N VAL C 77 -6.73 6.32 -1.92
CA VAL C 77 -5.94 5.46 -2.81
C VAL C 77 -6.87 5.00 -3.91
N LYS C 78 -6.41 5.09 -5.17
CA LYS C 78 -7.16 4.58 -6.30
C LYS C 78 -6.29 3.64 -7.12
N LYS C 79 -6.93 2.64 -7.71
CA LYS C 79 -6.25 1.73 -8.61
C LYS C 79 -5.94 2.45 -9.92
N VAL C 80 -4.73 2.20 -10.44
CA VAL C 80 -4.28 2.67 -11.74
C VAL C 80 -4.32 1.49 -12.71
N LYS C 81 -4.56 1.77 -13.99
CA LYS C 81 -4.69 0.72 -15.00
C LYS C 81 -3.33 0.18 -15.45
N LYS C 82 -2.50 -0.16 -14.49
CA LYS C 82 -1.22 -0.80 -14.70
C LYS C 82 -1.07 -1.88 -13.63
N LYS C 83 -0.31 -2.92 -13.96
CA LYS C 83 -0.17 -4.06 -13.07
C LYS C 83 0.26 -3.65 -11.67
N LEU C 84 -0.55 -4.01 -10.67
CA LEU C 84 -0.20 -3.88 -9.25
C LEU C 84 0.07 -2.43 -8.84
N THR C 85 -0.53 -1.48 -9.56
CA THR C 85 -0.23 -0.06 -9.39
C THR C 85 -1.44 0.69 -8.86
N TYR C 86 -1.18 1.60 -7.92
CA TYR C 86 -2.17 2.41 -7.23
C TYR C 86 -1.65 3.85 -7.15
N GLN C 87 -2.49 4.76 -6.63
CA GLN C 87 -2.16 6.17 -6.57
C GLN C 87 -2.76 6.81 -5.31
N PHE C 88 -1.92 7.47 -4.52
CA PHE C 88 -2.41 8.26 -3.40
C PHE C 88 -3.00 9.59 -3.86
N SER C 89 -3.96 10.10 -3.10
CA SER C 89 -4.51 11.41 -3.38
C SER C 89 -3.53 12.51 -2.99
N GLY C 90 -3.73 13.69 -3.58
CA GLY C 90 -2.95 14.84 -3.19
C GLY C 90 -3.10 15.16 -1.72
N GLU C 91 -4.30 14.94 -1.17
CA GLU C 91 -4.53 15.19 0.25
C GLU C 91 -3.65 14.29 1.11
N VAL C 92 -3.63 13.00 0.78
CA VAL C 92 -2.81 12.04 1.52
C VAL C 92 -1.33 12.40 1.42
N LEU C 93 -0.90 12.81 0.23
CA LEU C 93 0.52 13.12 0.01
C LEU C 93 0.92 14.41 0.72
N GLY C 94 0.00 15.35 0.87
CA GLY C 94 0.31 16.60 1.56
C GLY C 94 0.51 16.43 3.04
N ARG C 95 0.03 15.33 3.61
CA ARG C 95 0.22 15.04 5.03
C ARG C 95 1.17 13.84 5.18
#